data_5GIC
#
_entry.id   5GIC
#
_cell.length_a   154.315
_cell.length_b   42.444
_cell.length_c   42.106
_cell.angle_alpha   90.00
_cell.angle_beta   96.53
_cell.angle_gamma   90.00
#
_symmetry.space_group_name_H-M   'C 1 2 1'
#
loop_
_entity.id
_entity.type
_entity.pdbx_description
1 polymer 'Vitamin D3 receptor'
2 polymer SRC1
3 non-polymer (3~{R},5~{S})-5-[(2~{R})-2-[(1~{R},3~{a}~{S},4~{Z},7~{a}~{R})-7~{a}-methyl-4-[(2~{E})-2-[(3~{S},5~{R})-2-methylidene-3,5-bis(oxidanyl)cyclohexylidene]ethylidene]-2,3,3~{a},5,6,7-hexahydro-1~{H}-inden-1-yl]propyl]-3-methyl-3-oxidanyl-1-(2-phenylethyl)pyrrolidin-2-one
4 water water
#
loop_
_entity_poly.entity_id
_entity_poly.type
_entity_poly.pdbx_seq_one_letter_code
_entity_poly.pdbx_strand_id
1 'polypeptide(L)'
;LSEEQQHIIAILLDAHHKTYDPTYADFRDFRPPVRMDGSTGSVTLDLSPLSMLPHLADLVSYSIQKVIGFAKMIPGFRDL
TSDDQIVLLKSSAIEVIMLRSNQSFTMDDMSWDCGSQDYKYDVTDVSKAGHTLELIEPLIKFQVGLKKLNLHEEEHVLLM
AICIVSPDRPGVQDAKLVEAIQDRLSNTLQTYIRCRHPPPGSHQLYAKMIQKLADLRSLNEEHSKQYRSLSFQPENSMKL
TPLVLEVFGN
;
A
2 'polypeptide(L)' NHPMLMNLLK C
#
# COMPACT_ATOMS: atom_id res chain seq x y z
N LEU A 1 -21.16 4.29 -17.08
CA LEU A 1 -19.76 3.90 -17.17
C LEU A 1 -19.22 4.27 -18.56
N SER A 2 -18.43 5.33 -18.61
CA SER A 2 -18.06 6.00 -19.85
C SER A 2 -16.85 5.34 -20.52
N GLU A 3 -16.63 5.73 -21.78
CA GLU A 3 -15.39 5.44 -22.49
C GLU A 3 -14.16 5.64 -21.60
N GLU A 4 -14.08 6.82 -20.98
CA GLU A 4 -12.87 7.21 -20.26
C GLU A 4 -12.63 6.35 -19.03
N GLN A 5 -13.70 5.93 -18.34
CA GLN A 5 -13.49 5.26 -17.07
C GLN A 5 -13.29 3.75 -17.25
N GLN A 6 -13.83 3.17 -18.32
CA GLN A 6 -13.45 1.80 -18.66
C GLN A 6 -11.99 1.72 -19.09
N HIS A 7 -11.48 2.80 -19.70
CA HIS A 7 -10.06 2.90 -20.00
C HIS A 7 -9.24 2.91 -18.72
N ILE A 8 -9.68 3.71 -17.74
CA ILE A 8 -8.96 3.82 -16.47
C ILE A 8 -8.92 2.48 -15.76
N ILE A 9 -10.05 1.79 -15.69
CA ILE A 9 -10.10 0.51 -14.99
C ILE A 9 -9.21 -0.51 -15.69
N ALA A 10 -9.19 -0.51 -17.02
CA ALA A 10 -8.31 -1.42 -17.75
C ALA A 10 -6.85 -1.14 -17.45
N ILE A 11 -6.47 0.14 -17.37
CA ILE A 11 -5.08 0.49 -17.11
C ILE A 11 -4.66 0.05 -15.72
N LEU A 12 -5.49 0.34 -14.71
CA LEU A 12 -5.13 0.03 -13.33
C LEU A 12 -5.05 -1.47 -13.09
N LEU A 13 -5.95 -2.24 -13.71
CA LEU A 13 -5.89 -3.70 -13.59
C LEU A 13 -4.59 -4.23 -14.17
N ASP A 14 -4.23 -3.77 -15.37
CA ASP A 14 -2.99 -4.22 -15.99
C ASP A 14 -1.78 -3.76 -15.17
N ALA A 15 -1.81 -2.52 -14.68
CA ALA A 15 -0.72 -2.03 -13.84
C ALA A 15 -0.54 -2.90 -12.60
N HIS A 16 -1.65 -3.36 -12.02
CA HIS A 16 -1.56 -4.22 -10.84
C HIS A 16 -1.00 -5.59 -11.20
N HIS A 17 -1.47 -6.17 -12.30
CA HIS A 17 -0.99 -7.49 -12.72
C HIS A 17 0.49 -7.47 -13.06
N LYS A 18 1.05 -6.30 -13.37
CA LYS A 18 2.48 -6.18 -13.66
C LYS A 18 3.30 -5.87 -12.43
N THR A 19 2.68 -5.41 -11.34
CA THR A 19 3.41 -5.03 -10.14
C THR A 19 3.07 -5.89 -8.92
N TYR A 20 2.23 -6.90 -9.06
CA TYR A 20 1.91 -7.82 -7.97
C TYR A 20 1.98 -9.24 -8.49
N ASP A 21 2.97 -10.01 -8.02
CA ASP A 21 3.19 -11.39 -8.44
C ASP A 21 2.45 -12.33 -7.51
N PRO A 22 1.32 -12.91 -7.94
CA PRO A 22 0.57 -13.81 -7.05
C PRO A 22 1.27 -15.12 -6.76
N THR A 23 2.32 -15.47 -7.50
CA THR A 23 3.09 -16.66 -7.20
C THR A 23 4.22 -16.40 -6.22
N TYR A 24 4.56 -15.13 -5.98
CA TYR A 24 5.53 -14.74 -4.96
C TYR A 24 6.90 -15.37 -5.20
N ALA A 25 7.30 -15.43 -6.48
CA ALA A 25 8.55 -16.10 -6.82
C ALA A 25 9.77 -15.35 -6.31
N ASP A 26 9.72 -14.02 -6.29
CA ASP A 26 10.88 -13.20 -5.92
C ASP A 26 11.20 -13.25 -4.44
N PHE A 27 10.42 -13.94 -3.62
CA PHE A 27 10.69 -14.00 -2.19
C PHE A 27 11.98 -14.75 -1.88
N ARG A 28 12.45 -15.60 -2.80
CA ARG A 28 13.73 -16.27 -2.59
C ARG A 28 14.88 -15.28 -2.52
N ASP A 29 14.76 -14.13 -3.20
CA ASP A 29 15.85 -13.16 -3.21
C ASP A 29 16.02 -12.45 -1.88
N PHE A 30 15.00 -12.47 -1.02
CA PHE A 30 15.08 -11.75 0.24
C PHE A 30 16.08 -12.42 1.18
N ARG A 31 16.52 -11.67 2.18
CA ARG A 31 17.25 -12.27 3.28
C ARG A 31 16.33 -13.25 4.01
N PRO A 32 16.85 -14.37 4.49
CA PRO A 32 15.98 -15.47 4.93
C PRO A 32 15.23 -15.12 6.19
N PRO A 33 13.98 -15.56 6.31
CA PRO A 33 13.27 -15.39 7.58
C PRO A 33 13.80 -16.35 8.63
N VAL A 34 13.90 -15.86 9.87
CA VAL A 34 14.27 -16.69 11.00
C VAL A 34 13.31 -16.40 12.15
N ARG A 35 12.74 -17.45 12.72
CA ARG A 35 11.72 -17.30 13.75
C ARG A 35 11.99 -18.21 14.96
N PRO A 49 14.95 -11.05 20.14
CA PRO A 49 15.67 -10.49 19.00
C PRO A 49 14.73 -10.12 17.86
N LEU A 50 15.13 -9.16 17.04
CA LEU A 50 14.39 -8.79 15.83
C LEU A 50 14.75 -9.73 14.69
N SER A 51 14.47 -11.02 14.93
CA SER A 51 14.90 -12.07 14.02
C SER A 51 14.36 -11.87 12.61
N MET A 52 13.09 -11.51 12.48
CA MET A 52 12.44 -11.42 11.19
C MET A 52 12.69 -10.11 10.45
N LEU A 53 13.28 -9.10 11.09
CA LEU A 53 13.34 -7.78 10.47
C LEU A 53 14.11 -7.78 9.15
N PRO A 54 15.29 -8.39 9.02
CA PRO A 54 15.95 -8.41 7.70
C PRO A 54 15.06 -8.97 6.59
N HIS A 55 14.28 -10.01 6.88
CA HIS A 55 13.38 -10.55 5.86
C HIS A 55 12.25 -9.59 5.55
N LEU A 56 11.60 -9.05 6.59
CA LEU A 56 10.48 -8.14 6.37
C LEU A 56 10.95 -6.83 5.78
N ALA A 57 12.11 -6.32 6.19
CA ALA A 57 12.67 -5.13 5.58
C ALA A 57 12.87 -5.34 4.09
N ASP A 58 13.34 -6.52 3.69
CA ASP A 58 13.48 -6.83 2.27
C ASP A 58 12.12 -6.93 1.60
N LEU A 59 11.13 -7.53 2.29
CA LEU A 59 9.79 -7.60 1.73
C LEU A 59 9.21 -6.21 1.51
N VAL A 60 9.30 -5.35 2.52
CA VAL A 60 8.82 -3.98 2.39
C VAL A 60 9.54 -3.25 1.27
N SER A 61 10.88 -3.37 1.22
CA SER A 61 11.66 -2.67 0.21
C SER A 61 11.27 -3.12 -1.19
N TYR A 62 11.12 -4.43 -1.40
CA TYR A 62 10.63 -4.94 -2.66
C TYR A 62 9.24 -4.40 -2.97
N SER A 63 8.38 -4.33 -1.96
CA SER A 63 7.00 -3.89 -2.18
C SER A 63 6.93 -2.41 -2.51
N ILE A 64 7.83 -1.59 -1.95
CA ILE A 64 7.88 -0.19 -2.32
C ILE A 64 8.19 -0.03 -3.80
N GLN A 65 9.14 -0.82 -4.32
CA GLN A 65 9.45 -0.78 -5.74
C GLN A 65 8.21 -1.10 -6.57
N LYS A 66 7.43 -2.09 -6.13
CA LYS A 66 6.23 -2.46 -6.87
C LYS A 66 5.16 -1.38 -6.77
N VAL A 67 5.01 -0.77 -5.59
CA VAL A 67 4.05 0.32 -5.42
C VAL A 67 4.40 1.48 -6.33
N ILE A 68 5.70 1.81 -6.42
CA ILE A 68 6.14 2.87 -7.32
C ILE A 68 5.78 2.52 -8.76
N GLY A 69 6.06 1.28 -9.16
CA GLY A 69 5.74 0.85 -10.51
C GLY A 69 4.25 0.96 -10.80
N PHE A 70 3.41 0.56 -9.85
CA PHE A 70 1.97 0.74 -9.99
C PHE A 70 1.62 2.23 -10.13
N ALA A 71 2.19 3.06 -9.24
CA ALA A 71 1.82 4.47 -9.20
C ALA A 71 2.12 5.17 -10.53
N LYS A 72 3.24 4.80 -11.17
CA LYS A 72 3.64 5.47 -12.40
C LYS A 72 2.63 5.23 -13.52
N MET A 73 1.89 4.14 -13.47
CA MET A 73 0.94 3.80 -14.52
C MET A 73 -0.45 4.37 -14.28
N ILE A 74 -0.67 5.03 -13.14
CA ILE A 74 -1.96 5.65 -12.82
C ILE A 74 -2.24 6.78 -13.81
N PRO A 75 -3.32 6.69 -14.58
CA PRO A 75 -3.60 7.73 -15.59
C PRO A 75 -3.70 9.11 -14.97
N GLY A 76 -2.77 9.99 -15.36
CA GLY A 76 -2.67 11.32 -14.83
C GLY A 76 -1.52 11.53 -13.86
N PHE A 77 -0.93 10.44 -13.36
CA PHE A 77 0.14 10.56 -12.37
C PHE A 77 1.40 11.15 -12.97
N ARG A 78 1.81 10.65 -14.14
CA ARG A 78 3.05 11.11 -14.77
C ARG A 78 2.99 12.57 -15.19
N ASP A 79 1.81 13.17 -15.24
CA ASP A 79 1.67 14.59 -15.56
C ASP A 79 1.89 15.49 -14.34
N LEU A 80 2.06 14.93 -13.17
CA LEU A 80 2.43 15.70 -11.99
C LEU A 80 3.90 16.08 -12.03
N THR A 81 4.29 17.00 -11.16
CA THR A 81 5.70 17.32 -11.00
C THR A 81 6.46 16.10 -10.52
N SER A 82 7.76 16.09 -10.77
CA SER A 82 8.62 15.09 -10.13
C SER A 82 8.56 15.21 -8.61
N ASP A 83 8.46 16.45 -8.12
CA ASP A 83 8.47 16.68 -6.68
C ASP A 83 7.15 16.26 -6.04
N ASP A 84 6.03 16.53 -6.69
CA ASP A 84 4.74 16.11 -6.14
C ASP A 84 4.62 14.59 -6.16
N GLN A 85 5.18 13.94 -7.18
CA GLN A 85 5.14 12.48 -7.22
C GLN A 85 5.87 11.88 -6.02
N ILE A 86 6.99 12.48 -5.63
CA ILE A 86 7.76 11.96 -4.50
C ILE A 86 7.00 12.17 -3.19
N VAL A 87 6.37 13.33 -3.04
CA VAL A 87 5.57 13.59 -1.84
C VAL A 87 4.45 12.56 -1.72
N LEU A 88 3.77 12.27 -2.83
CA LEU A 88 2.64 11.34 -2.79
C LEU A 88 3.10 9.92 -2.44
N LEU A 89 4.26 9.51 -2.95
CA LEU A 89 4.72 8.14 -2.71
C LEU A 89 5.30 7.96 -1.32
N LYS A 90 5.98 8.99 -0.78
CA LYS A 90 6.52 8.87 0.57
C LYS A 90 5.42 8.65 1.59
N SER A 91 4.35 9.44 1.51
CA SER A 91 3.27 9.34 2.48
C SER A 91 2.39 8.13 2.23
N SER A 92 2.22 7.71 0.98
CA SER A 92 1.26 6.66 0.65
C SER A 92 1.86 5.27 0.59
N ALA A 93 3.19 5.14 0.51
CA ALA A 93 3.82 3.84 0.26
C ALA A 93 3.36 2.80 1.25
N ILE A 94 3.47 3.10 2.55
CA ILE A 94 3.10 2.10 3.57
C ILE A 94 1.60 1.81 3.53
N GLU A 95 0.78 2.81 3.21
CA GLU A 95 -0.66 2.58 3.15
C GLU A 95 -1.01 1.64 2.00
N VAL A 96 -0.45 1.87 0.81
CA VAL A 96 -0.72 0.99 -0.32
C VAL A 96 -0.20 -0.41 -0.04
N ILE A 97 0.93 -0.51 0.67
CA ILE A 97 1.46 -1.81 1.05
C ILE A 97 0.45 -2.56 1.92
N MET A 98 -0.17 -1.86 2.88
CA MET A 98 -1.17 -2.51 3.72
C MET A 98 -2.42 -2.85 2.92
N LEU A 99 -2.81 -1.99 1.98
CA LEU A 99 -3.91 -2.32 1.08
C LEU A 99 -3.57 -3.55 0.24
N ARG A 100 -2.47 -3.50 -0.51
CA ARG A 100 -2.15 -4.57 -1.44
C ARG A 100 -1.87 -5.89 -0.72
N SER A 101 -1.53 -5.85 0.58
CA SER A 101 -1.28 -7.09 1.31
C SER A 101 -2.58 -7.84 1.61
N ASN A 102 -3.73 -7.20 1.45
CA ASN A 102 -5.01 -7.86 1.68
C ASN A 102 -5.17 -9.08 0.76
N GLN A 103 -4.51 -9.06 -0.40
CA GLN A 103 -4.61 -10.18 -1.34
C GLN A 103 -3.99 -11.45 -0.75
N SER A 104 -2.90 -11.31 0.00
CA SER A 104 -2.28 -12.47 0.64
C SER A 104 -2.87 -12.77 2.01
N PHE A 105 -3.54 -11.80 2.62
CA PHE A 105 -4.09 -12.01 3.96
C PHE A 105 -5.29 -12.96 3.90
N THR A 106 -5.32 -13.90 4.83
CA THR A 106 -6.41 -14.86 4.93
C THR A 106 -7.03 -14.80 6.32
N MET A 107 -8.33 -15.05 6.37
CA MET A 107 -9.06 -15.01 7.63
C MET A 107 -9.19 -16.38 8.29
N ASP A 108 -8.53 -17.41 7.75
CA ASP A 108 -8.51 -18.70 8.43
C ASP A 108 -7.71 -18.62 9.71
N ASP A 109 -6.55 -17.97 9.67
CA ASP A 109 -5.63 -17.91 10.79
C ASP A 109 -5.09 -16.50 11.01
N MET A 110 -5.71 -15.49 10.41
CA MET A 110 -5.28 -14.10 10.53
C MET A 110 -3.80 -13.94 10.17
N SER A 111 -3.46 -14.39 8.96
CA SER A 111 -2.07 -14.36 8.53
C SER A 111 -1.99 -13.96 7.06
N TRP A 112 -0.85 -13.40 6.68
CA TRP A 112 -0.53 -13.13 5.28
C TRP A 112 0.14 -14.38 4.72
N ASP A 113 -0.53 -15.06 3.79
CA ASP A 113 -0.07 -16.34 3.26
C ASP A 113 0.48 -16.12 1.86
N CYS A 114 1.79 -16.34 1.70
CA CYS A 114 2.48 -16.10 0.44
C CYS A 114 3.08 -17.38 -0.15
N GLY A 115 2.40 -18.52 0.02
CA GLY A 115 2.83 -19.74 -0.63
C GLY A 115 3.35 -20.83 0.30
N SER A 116 4.24 -20.45 1.21
CA SER A 116 4.75 -21.35 2.24
C SER A 116 4.79 -20.56 3.54
N GLN A 117 5.31 -21.18 4.60
CA GLN A 117 5.24 -20.55 5.91
C GLN A 117 6.35 -20.88 6.93
N ASP A 118 7.64 -20.60 6.69
CA ASP A 118 8.27 -19.85 5.59
C ASP A 118 7.69 -18.45 5.32
N TYR A 119 6.95 -18.31 4.23
CA TYR A 119 6.48 -16.99 3.78
C TYR A 119 5.06 -16.70 4.21
N LYS A 120 4.68 -17.08 5.43
CA LYS A 120 3.41 -16.68 6.02
C LYS A 120 3.68 -16.01 7.36
N TYR A 121 2.94 -14.94 7.64
CA TYR A 121 3.25 -14.04 8.74
C TYR A 121 2.01 -13.83 9.60
N ASP A 122 2.17 -14.02 10.90
CA ASP A 122 1.10 -13.84 11.89
C ASP A 122 1.53 -12.79 12.91
N VAL A 123 0.66 -12.55 13.89
CA VAL A 123 0.91 -11.49 14.86
C VAL A 123 2.16 -11.79 15.68
N THR A 124 2.46 -13.07 15.93
CA THR A 124 3.68 -13.40 16.65
C THR A 124 4.91 -13.19 15.79
N ASP A 125 4.77 -13.33 14.47
CA ASP A 125 5.90 -13.08 13.58
C ASP A 125 6.31 -11.62 13.56
N VAL A 126 5.37 -10.71 13.79
CA VAL A 126 5.58 -9.29 13.50
C VAL A 126 5.50 -8.39 14.73
N SER A 127 4.97 -8.87 15.86
CA SER A 127 4.72 -7.99 17.00
C SER A 127 5.53 -8.38 18.23
N LYS A 128 6.70 -8.98 18.05
CA LYS A 128 7.44 -9.51 19.20
C LYS A 128 8.17 -8.42 19.96
N ALA A 129 8.69 -7.41 19.25
CA ALA A 129 9.65 -6.48 19.82
C ALA A 129 9.05 -5.09 20.01
N GLY A 130 9.44 -4.44 21.11
CA GLY A 130 9.07 -3.05 21.33
C GLY A 130 7.58 -2.89 21.57
N HIS A 131 7.03 -1.80 21.04
CA HIS A 131 5.61 -1.49 21.14
C HIS A 131 4.88 -1.70 19.81
N THR A 132 5.37 -2.64 19.00
CA THR A 132 4.81 -2.83 17.66
C THR A 132 3.41 -3.41 17.67
N LEU A 133 2.93 -3.94 18.79
CA LEU A 133 1.55 -4.40 18.84
C LEU A 133 0.57 -3.25 18.69
N GLU A 134 0.95 -2.04 19.14
CA GLU A 134 0.10 -0.88 18.95
C GLU A 134 -0.19 -0.60 17.48
N LEU A 135 0.64 -1.12 16.58
CA LEU A 135 0.38 -1.07 15.14
C LEU A 135 -0.26 -2.36 14.62
N ILE A 136 0.15 -3.51 15.14
CA ILE A 136 -0.27 -4.78 14.54
C ILE A 136 -1.71 -5.12 14.87
N GLU A 137 -2.14 -4.87 16.10
CA GLU A 137 -3.53 -5.14 16.45
C GLU A 137 -4.51 -4.36 15.56
N PRO A 138 -4.38 -3.02 15.43
CA PRO A 138 -5.29 -2.33 14.51
C PRO A 138 -5.08 -2.71 13.05
N LEU A 139 -3.87 -3.12 12.67
CA LEU A 139 -3.62 -3.48 11.28
C LEU A 139 -4.32 -4.78 10.90
N ILE A 140 -4.30 -5.77 11.80
CA ILE A 140 -5.03 -7.01 11.54
C ILE A 140 -6.53 -6.73 11.44
N LYS A 141 -7.06 -5.92 12.36
CA LYS A 141 -8.47 -5.57 12.29
C LYS A 141 -8.80 -4.85 10.99
N PHE A 142 -7.88 -4.01 10.51
CA PHE A 142 -8.08 -3.38 9.20
C PHE A 142 -8.10 -4.41 8.10
N GLN A 143 -7.22 -5.41 8.18
CA GLN A 143 -7.19 -6.47 7.17
C GLN A 143 -8.48 -7.26 7.16
N VAL A 144 -8.99 -7.59 8.34
CA VAL A 144 -10.29 -8.26 8.44
C VAL A 144 -11.38 -7.37 7.84
N GLY A 145 -11.35 -6.09 8.20
CA GLY A 145 -12.38 -5.17 7.70
C GLY A 145 -12.29 -4.95 6.20
N LEU A 146 -11.08 -4.87 5.66
CA LEU A 146 -10.92 -4.77 4.22
C LEU A 146 -11.35 -6.07 3.54
N LYS A 147 -11.06 -7.21 4.16
CA LYS A 147 -11.42 -8.49 3.57
C LYS A 147 -12.93 -8.68 3.53
N LYS A 148 -13.65 -8.24 4.58
CA LYS A 148 -15.11 -8.43 4.59
C LYS A 148 -15.81 -7.55 3.57
N LEU A 149 -15.12 -6.60 2.94
CA LEU A 149 -15.75 -5.83 1.88
C LEU A 149 -15.89 -6.62 0.59
N ASN A 150 -15.14 -7.73 0.45
CA ASN A 150 -15.19 -8.59 -0.73
C ASN A 150 -15.07 -7.78 -2.01
N LEU A 151 -14.06 -6.91 -2.05
CA LEU A 151 -13.90 -5.98 -3.16
C LEU A 151 -13.73 -6.72 -4.48
N HIS A 152 -14.31 -6.15 -5.53
CA HIS A 152 -13.91 -6.52 -6.88
C HIS A 152 -12.46 -6.09 -7.11
N GLU A 153 -11.75 -6.85 -7.94
CA GLU A 153 -10.37 -6.46 -8.25
C GLU A 153 -10.32 -5.07 -8.86
N GLU A 154 -11.34 -4.70 -9.65
CA GLU A 154 -11.41 -3.35 -10.19
C GLU A 154 -11.52 -2.32 -9.08
N GLU A 155 -12.23 -2.64 -8.00
CA GLU A 155 -12.34 -1.74 -6.87
C GLU A 155 -11.07 -1.75 -6.03
N HIS A 156 -10.37 -2.88 -5.98
CA HIS A 156 -9.13 -2.96 -5.23
C HIS A 156 -8.07 -2.03 -5.82
N VAL A 157 -7.93 -2.05 -7.15
CA VAL A 157 -6.89 -1.24 -7.78
C VAL A 157 -7.27 0.24 -7.81
N LEU A 158 -8.56 0.55 -7.92
CA LEU A 158 -8.99 1.94 -7.84
C LEU A 158 -8.67 2.54 -6.48
N LEU A 159 -8.93 1.80 -5.41
CA LEU A 159 -8.70 2.30 -4.06
C LEU A 159 -7.22 2.58 -3.82
N MET A 160 -6.34 1.69 -4.28
CA MET A 160 -4.91 1.95 -4.18
C MET A 160 -4.51 3.20 -4.94
N ALA A 161 -5.04 3.39 -6.15
CA ALA A 161 -4.73 4.58 -6.93
C ALA A 161 -5.27 5.84 -6.25
N ILE A 162 -6.50 5.79 -5.74
CA ILE A 162 -7.06 6.91 -4.99
C ILE A 162 -6.22 7.18 -3.74
N CYS A 163 -5.75 6.11 -3.09
CA CYS A 163 -4.89 6.28 -1.92
C CYS A 163 -3.60 7.03 -2.28
N ILE A 164 -2.99 6.68 -3.40
CA ILE A 164 -1.72 7.29 -3.77
C ILE A 164 -1.91 8.77 -4.09
N VAL A 165 -2.89 9.09 -4.93
CA VAL A 165 -3.08 10.45 -5.41
C VAL A 165 -4.01 11.20 -4.48
N SER A 166 -3.50 11.57 -3.30
CA SER A 166 -4.29 12.28 -2.30
C SER A 166 -3.87 13.74 -2.22
N PRO A 167 -4.81 14.68 -2.35
CA PRO A 167 -4.43 16.11 -2.37
C PRO A 167 -4.07 16.67 -1.00
N ASP A 168 -4.30 15.94 0.08
CA ASP A 168 -4.07 16.48 1.43
C ASP A 168 -2.77 15.97 2.06
N ARG A 169 -1.93 15.29 1.29
CA ARG A 169 -0.66 14.84 1.84
C ARG A 169 0.19 16.05 2.22
N PRO A 170 0.88 16.01 3.36
CA PRO A 170 1.73 17.15 3.74
C PRO A 170 2.85 17.35 2.73
N GLY A 171 3.02 18.59 2.30
CA GLY A 171 4.09 18.93 1.38
C GLY A 171 3.69 18.99 -0.08
N VAL A 172 2.42 18.75 -0.40
CA VAL A 172 1.98 18.82 -1.79
C VAL A 172 2.01 20.27 -2.25
N GLN A 173 2.61 20.51 -3.41
CA GLN A 173 2.64 21.84 -4.00
C GLN A 173 1.36 22.08 -4.78
N ASP A 174 1.32 21.61 -6.02
CA ASP A 174 0.08 21.62 -6.80
C ASP A 174 -0.88 20.60 -6.20
N ALA A 175 -2.01 21.08 -5.68
CA ALA A 175 -3.04 20.21 -5.13
C ALA A 175 -4.28 20.13 -6.00
N LYS A 176 -4.61 21.21 -6.72
CA LYS A 176 -5.78 21.19 -7.60
C LYS A 176 -5.65 20.09 -8.65
N LEU A 177 -4.46 19.95 -9.24
CA LEU A 177 -4.27 18.89 -10.23
C LEU A 177 -4.34 17.52 -9.58
N VAL A 178 -3.72 17.35 -8.41
CA VAL A 178 -3.84 16.10 -7.67
C VAL A 178 -5.31 15.78 -7.41
N GLU A 179 -6.06 16.78 -6.92
CA GLU A 179 -7.49 16.59 -6.68
C GLU A 179 -8.20 16.23 -7.98
N ALA A 180 -7.84 16.89 -9.08
CA ALA A 180 -8.46 16.57 -10.38
C ALA A 180 -8.22 15.11 -10.76
N ILE A 181 -6.99 14.63 -10.54
CA ILE A 181 -6.68 13.24 -10.88
C ILE A 181 -7.41 12.29 -9.94
N GLN A 182 -7.51 12.63 -8.66
CA GLN A 182 -8.21 11.77 -7.71
C GLN A 182 -9.71 11.78 -7.94
N ASP A 183 -10.27 12.93 -8.30
CA ASP A 183 -11.71 13.02 -8.53
C ASP A 183 -12.12 12.13 -9.70
N ARG A 184 -11.33 12.12 -10.76
CA ARG A 184 -11.62 11.26 -11.90
C ARG A 184 -11.47 9.78 -11.55
N LEU A 185 -10.65 9.46 -10.54
CA LEU A 185 -10.58 8.10 -10.05
C LEU A 185 -11.72 7.81 -9.06
N SER A 186 -12.05 8.78 -8.21
CA SER A 186 -13.15 8.58 -7.27
C SER A 186 -14.48 8.44 -8.00
N ASN A 187 -14.72 9.29 -9.01
CA ASN A 187 -15.94 9.19 -9.79
C ASN A 187 -15.97 7.94 -10.66
N THR A 188 -14.81 7.38 -10.98
CA THR A 188 -14.78 6.06 -11.62
C THR A 188 -15.20 4.97 -10.65
N LEU A 189 -14.71 5.05 -9.40
CA LEU A 189 -15.07 4.06 -8.39
C LEU A 189 -16.54 4.13 -8.03
N GLN A 190 -17.08 5.34 -7.85
CA GLN A 190 -18.49 5.48 -7.53
C GLN A 190 -19.36 4.92 -8.65
N THR A 191 -19.06 5.30 -9.89
CA THR A 191 -19.84 4.83 -11.03
C THR A 191 -19.67 3.33 -11.23
N TYR A 192 -18.49 2.79 -10.94
CA TYR A 192 -18.30 1.35 -11.07
C TYR A 192 -19.17 0.58 -10.09
N ILE A 193 -19.32 1.09 -8.86
CA ILE A 193 -20.08 0.37 -7.85
C ILE A 193 -21.55 0.29 -8.24
N ARG A 194 -22.08 1.36 -8.82
CA ARG A 194 -23.49 1.37 -9.19
C ARG A 194 -23.75 0.44 -10.38
N CYS A 195 -22.90 0.49 -11.40
CA CYS A 195 -23.16 -0.26 -12.62
C CYS A 195 -22.72 -1.71 -12.52
N ARG A 196 -21.70 -2.02 -11.72
CA ARG A 196 -21.11 -3.35 -11.73
C ARG A 196 -21.21 -4.10 -10.41
N HIS A 197 -21.35 -3.41 -9.27
CA HIS A 197 -21.45 -4.12 -8.00
C HIS A 197 -22.91 -4.23 -7.61
N PRO A 198 -23.50 -5.43 -7.60
CA PRO A 198 -24.91 -5.57 -7.31
C PRO A 198 -25.17 -5.58 -5.82
N PRO A 199 -26.39 -5.22 -5.39
CA PRO A 199 -26.82 -5.37 -4.01
C PRO A 199 -26.86 -6.84 -3.58
N PRO A 200 -26.70 -7.12 -2.28
CA PRO A 200 -26.48 -6.15 -1.19
C PRO A 200 -25.02 -5.78 -0.95
N GLY A 201 -24.09 -6.42 -1.66
CA GLY A 201 -22.67 -6.18 -1.43
C GLY A 201 -22.23 -4.76 -1.69
N SER A 202 -23.00 -3.99 -2.46
CA SER A 202 -22.64 -2.63 -2.80
C SER A 202 -23.22 -1.60 -1.85
N HIS A 203 -23.85 -2.05 -0.77
CA HIS A 203 -24.57 -1.14 0.13
C HIS A 203 -23.58 -0.27 0.88
N GLN A 204 -23.59 1.03 0.58
CA GLN A 204 -22.65 2.00 1.15
C GLN A 204 -21.21 1.56 0.94
N LEU A 205 -20.96 0.76 -0.11
CA LEU A 205 -19.62 0.23 -0.33
C LEU A 205 -18.62 1.35 -0.51
N TYR A 206 -19.00 2.41 -1.23
CA TYR A 206 -18.09 3.53 -1.45
C TYR A 206 -17.74 4.22 -0.14
N ALA A 207 -18.73 4.41 0.74
CA ALA A 207 -18.45 5.05 2.02
C ALA A 207 -17.58 4.18 2.91
N LYS A 208 -17.74 2.86 2.83
CA LYS A 208 -16.90 1.95 3.60
C LYS A 208 -15.48 1.89 3.06
N MET A 209 -15.28 2.23 1.79
CA MET A 209 -13.94 2.24 1.21
C MET A 209 -13.18 3.49 1.61
N ILE A 210 -13.84 4.65 1.53
CA ILE A 210 -13.24 5.90 2.01
C ILE A 210 -12.95 5.80 3.50
N GLN A 211 -13.78 5.07 4.24
CA GLN A 211 -13.50 4.82 5.65
C GLN A 211 -12.18 4.09 5.82
N LYS A 212 -11.91 3.12 4.95
CA LYS A 212 -10.64 2.40 5.03
C LYS A 212 -9.46 3.31 4.67
N LEU A 213 -9.71 4.36 3.90
CA LEU A 213 -8.68 5.38 3.70
C LEU A 213 -8.42 6.13 4.98
N ALA A 214 -9.43 6.30 5.83
CA ALA A 214 -9.21 6.95 7.12
C ALA A 214 -8.49 6.02 8.09
N ASP A 215 -8.74 4.71 7.99
CA ASP A 215 -7.99 3.76 8.81
C ASP A 215 -6.51 3.75 8.41
N LEU A 216 -6.24 3.85 7.11
CA LEU A 216 -4.85 3.90 6.65
C LEU A 216 -4.12 5.11 7.21
N ARG A 217 -4.83 6.24 7.36
CA ARG A 217 -4.18 7.44 7.87
C ARG A 217 -3.68 7.25 9.29
N SER A 218 -4.49 6.61 10.15
CA SER A 218 -4.03 6.39 11.52
C SER A 218 -3.01 5.25 11.60
N LEU A 219 -3.15 4.23 10.75
CA LEU A 219 -2.11 3.20 10.68
C LEU A 219 -0.80 3.78 10.17
N ASN A 220 -0.88 4.70 9.21
CA ASN A 220 0.31 5.40 8.75
C ASN A 220 0.94 6.22 9.87
N GLU A 221 0.12 6.93 10.64
CA GLU A 221 0.63 7.76 11.71
C GLU A 221 1.28 6.91 12.79
N GLU A 222 0.66 5.77 13.14
CA GLU A 222 1.30 4.84 14.06
C GLU A 222 2.59 4.28 13.46
N HIS A 223 2.57 3.99 12.16
CA HIS A 223 3.75 3.45 11.51
C HIS A 223 4.92 4.42 11.59
N SER A 224 4.65 5.71 11.36
CA SER A 224 5.72 6.71 11.44
C SER A 224 6.34 6.73 12.83
N LYS A 225 5.51 6.63 13.87
CA LYS A 225 6.03 6.61 15.23
C LYS A 225 6.84 5.35 15.49
N GLN A 226 6.38 4.20 15.00
CA GLN A 226 7.14 2.96 15.16
C GLN A 226 8.47 3.03 14.43
N TYR A 227 8.45 3.41 13.15
CA TYR A 227 9.66 3.45 12.36
C TYR A 227 10.67 4.42 12.94
N ARG A 228 10.22 5.61 13.36
CA ARG A 228 11.13 6.61 13.93
C ARG A 228 11.83 6.07 15.16
N SER A 229 11.10 5.35 16.02
CA SER A 229 11.70 4.82 17.24
C SER A 229 12.70 3.72 16.93
N LEU A 230 12.39 2.90 15.91
CA LEU A 230 13.23 1.75 15.62
C LEU A 230 14.44 2.16 14.80
N SER A 231 14.25 3.06 13.83
CA SER A 231 15.37 3.58 13.04
C SER A 231 16.31 4.42 13.88
N PHE A 232 15.81 5.02 14.97
CA PHE A 232 16.65 5.83 15.84
C PHE A 232 17.75 5.00 16.49
N GLN A 233 17.56 3.67 16.59
CA GLN A 233 18.59 2.78 17.07
C GLN A 233 19.41 2.27 15.90
N PRO A 234 20.65 2.73 15.72
CA PRO A 234 21.39 2.35 14.50
C PRO A 234 21.58 0.85 14.35
N GLU A 235 21.69 0.10 15.45
CA GLU A 235 21.82 -1.36 15.35
C GLU A 235 20.73 -1.95 14.46
N ASN A 236 19.51 -1.48 14.60
CA ASN A 236 18.39 -1.98 13.81
C ASN A 236 18.31 -1.32 12.44
N SER A 237 18.68 -0.03 12.36
CA SER A 237 18.71 0.64 11.07
C SER A 237 19.70 -0.01 10.12
N MET A 238 20.72 -0.69 10.66
CA MET A 238 21.66 -1.41 9.81
C MET A 238 20.96 -2.48 8.98
N LYS A 239 19.96 -3.14 9.57
CA LYS A 239 19.31 -4.28 8.94
C LYS A 239 18.33 -3.88 7.84
N LEU A 240 18.01 -2.60 7.70
CA LEU A 240 17.06 -2.16 6.70
C LEU A 240 17.74 -2.10 5.34
N THR A 241 17.05 -1.55 4.35
CA THR A 241 17.59 -1.38 3.01
C THR A 241 17.78 0.11 2.71
N PRO A 242 18.60 0.45 1.72
CA PRO A 242 18.75 1.87 1.39
C PRO A 242 17.47 2.51 0.89
N LEU A 243 16.64 1.78 0.14
CA LEU A 243 15.37 2.34 -0.35
C LEU A 243 14.44 2.64 0.82
N VAL A 244 14.31 1.69 1.76
CA VAL A 244 13.43 1.87 2.91
C VAL A 244 13.82 3.12 3.68
N LEU A 245 15.12 3.32 3.91
CA LEU A 245 15.57 4.51 4.63
C LEU A 245 15.26 5.78 3.85
N GLU A 246 15.45 5.78 2.54
CA GLU A 246 15.18 6.99 1.76
C GLU A 246 13.71 7.35 1.80
N VAL A 247 12.82 6.37 1.70
CA VAL A 247 11.40 6.67 1.58
C VAL A 247 10.81 6.99 2.94
N PHE A 248 10.86 6.05 3.88
CA PHE A 248 10.49 6.38 5.25
C PHE A 248 11.61 7.22 5.84
N GLY A 249 11.50 8.54 5.73
CA GLY A 249 12.66 9.43 5.86
C GLY A 249 12.80 10.05 7.23
N ASN A 250 13.12 11.34 7.23
CA ASN A 250 13.57 12.06 8.41
C ASN A 250 12.40 12.65 9.20
N ASN B 1 16.70 15.10 -3.56
CA ASN B 1 17.18 14.52 -2.31
C ASN B 1 16.63 13.13 -2.11
N HIS B 2 16.12 12.53 -3.18
CA HIS B 2 15.63 11.14 -3.16
C HIS B 2 16.16 10.44 -4.39
N PRO B 3 17.45 10.12 -4.43
CA PRO B 3 18.03 9.57 -5.67
C PRO B 3 17.37 8.30 -6.14
N MET B 4 17.15 7.34 -5.24
CA MET B 4 16.60 6.06 -5.64
C MET B 4 15.13 6.17 -6.02
N LEU B 5 14.36 6.92 -5.22
CA LEU B 5 12.94 7.11 -5.52
C LEU B 5 12.75 7.87 -6.83
N MET B 6 13.58 8.89 -7.06
CA MET B 6 13.50 9.63 -8.32
C MET B 6 13.87 8.76 -9.50
N ASN B 7 14.88 7.90 -9.34
CA ASN B 7 15.27 7.01 -10.43
C ASN B 7 14.20 5.96 -10.70
N LEU B 8 13.51 5.49 -9.67
CA LEU B 8 12.42 4.54 -9.88
C LEU B 8 11.23 5.17 -10.59
N LEU B 9 11.13 6.50 -10.58
CA LEU B 9 10.12 7.19 -11.40
C LEU B 9 10.55 7.18 -12.86
N LYS B 10 11.60 7.93 -13.19
CA LYS B 10 12.23 7.86 -14.51
C LYS B 10 13.52 8.67 -14.51
#